data_5T7M
#
_entry.id   5T7M
#
_cell.length_a   72.110
_cell.length_b   78.410
_cell.length_c   116.450
_cell.angle_alpha   90.00
_cell.angle_beta   90.00
_cell.angle_gamma   90.00
#
_symmetry.space_group_name_H-M   'P 21 21 21'
#
loop_
_entity.id
_entity.type
_entity.pdbx_description
1 polymer 'Chemotaxis protein'
2 non-polymer TRYPTOPHAN
3 non-polymer 'ACETATE ION'
4 non-polymer 'SODIUM ION'
5 water water
#
_entity_poly.entity_id   1
_entity_poly.type   'polypeptide(L)'
_entity_poly.pdbx_seq_one_letter_code
;MGSSHHHHHHSSGLVPRGSHMNDYLQRNAIREDLESYLREMGDVTSSNIQNWLGGRLLLVEQTAQTLARDHSPETVSALL
EQPALTSTFSFTYLGQQDGVFTMRPDSPMPAGYDPRSRPWYKDAVAAGGLTLTEPYVDAATQELIITAATPVKAAGNTLG
VVGGDLSLKTLVQIINSLDFSGMGYAFLVSGDGKILVHPDKEQVMKTLSEVYPQNTPKIATGFSEAELHGHTRILAFTPI
KGLPSVTWYLALSIDKDKAYAMLSKFRVSA
;
_entity_poly.pdbx_strand_id   A,B
#
loop_
_chem_comp.id
_chem_comp.type
_chem_comp.name
_chem_comp.formula
ACT non-polymer 'ACETATE ION' 'C2 H3 O2 -1'
NA non-polymer 'SODIUM ION' 'Na 1'
#
# COMPACT_ATOMS: atom_id res chain seq x y z
N ASN A 22 -9.83 -0.79 -44.80
CA ASN A 22 -10.20 -2.04 -44.16
C ASN A 22 -10.69 -1.85 -42.76
N ASP A 23 -11.82 -2.45 -42.46
CA ASP A 23 -12.38 -2.36 -41.13
C ASP A 23 -11.76 -3.37 -40.23
N TYR A 24 -11.12 -4.40 -40.78
CA TYR A 24 -10.47 -5.40 -39.93
C TYR A 24 -9.23 -4.83 -39.26
N LEU A 25 -8.42 -4.13 -40.05
CA LEU A 25 -7.21 -3.51 -39.53
C LEU A 25 -7.57 -2.45 -38.49
N GLN A 26 -8.62 -1.68 -38.78
CA GLN A 26 -9.09 -0.64 -37.88
C GLN A 26 -9.63 -1.22 -36.57
N ARG A 27 -10.37 -2.32 -36.69
N ARG A 27 -10.40 -2.29 -36.62
CA ARG A 27 -10.92 -2.99 -35.52
CA ARG A 27 -10.90 -2.94 -35.42
C ARG A 27 -9.79 -3.49 -34.62
C ARG A 27 -9.74 -3.45 -34.58
N ASN A 28 -8.73 -3.99 -35.25
CA ASN A 28 -7.47 -4.55 -34.78
C ASN A 28 -6.61 -3.51 -34.07
N ALA A 29 -6.55 -2.31 -34.67
CA ALA A 29 -5.89 -1.15 -34.08
C ALA A 29 -6.57 -0.67 -32.80
N ILE A 30 -7.89 -0.62 -32.81
CA ILE A 30 -8.67 -0.24 -31.62
C ILE A 30 -8.47 -1.25 -30.48
N ARG A 31 -8.68 -2.53 -30.77
CA ARG A 31 -8.60 -3.58 -29.76
C ARG A 31 -7.21 -3.62 -29.12
N GLU A 32 -6.16 -3.54 -29.95
CA GLU A 32 -4.80 -3.56 -29.41
C GLU A 32 -4.59 -2.38 -28.47
N ASP A 33 -5.13 -1.21 -28.81
CA ASP A 33 -5.00 -0.04 -27.93
C ASP A 33 -5.75 -0.25 -26.62
N LEU A 34 -6.99 -0.73 -26.70
CA LEU A 34 -7.76 -1.05 -25.51
C LEU A 34 -7.01 -2.06 -24.61
N GLU A 35 -6.49 -3.13 -25.21
CA GLU A 35 -5.79 -4.17 -24.43
C GLU A 35 -4.51 -3.62 -23.75
N SER A 36 -3.87 -2.65 -24.38
CA SER A 36 -2.70 -2.03 -23.76
C SER A 36 -3.10 -1.18 -22.55
N TYR A 37 -4.20 -0.46 -22.67
CA TYR A 37 -4.74 0.34 -21.57
C TYR A 37 -5.12 -0.57 -20.38
N LEU A 38 -5.90 -1.60 -20.66
CA LEU A 38 -6.29 -2.54 -19.64
C LEU A 38 -5.09 -3.16 -18.91
N ARG A 39 -4.05 -3.52 -19.67
CA ARG A 39 -2.83 -4.06 -19.08
C ARG A 39 -2.21 -3.03 -18.13
N GLU A 40 -2.12 -1.78 -18.57
CA GLU A 40 -1.64 -0.73 -17.67
C GLU A 40 -2.49 -0.61 -16.40
N MET A 41 -3.80 -0.51 -16.55
CA MET A 41 -4.68 -0.38 -15.39
C MET A 41 -4.60 -1.61 -14.48
N GLY A 42 -4.44 -2.79 -15.07
CA GLY A 42 -4.40 -4.02 -14.29
C GLY A 42 -3.15 -4.10 -13.44
N ASP A 43 -2.02 -3.81 -14.07
CA ASP A 43 -0.72 -3.76 -13.38
C ASP A 43 -0.74 -2.82 -12.18
N VAL A 44 -1.21 -1.59 -12.38
CA VAL A 44 -1.05 -0.64 -11.31
C VAL A 44 -2.11 -0.90 -10.22
N THR A 45 -3.30 -1.38 -10.59
CA THR A 45 -4.29 -1.73 -9.56
C THR A 45 -3.80 -2.91 -8.72
N SER A 46 -3.20 -3.89 -9.37
CA SER A 46 -2.64 -5.05 -8.70
C SER A 46 -1.56 -4.64 -7.68
N SER A 47 -0.73 -3.69 -8.05
CA SER A 47 0.31 -3.19 -7.15
C SER A 47 -0.27 -2.53 -5.89
N ASN A 48 -1.30 -1.73 -6.11
N ASN A 48 -1.31 -1.71 -6.01
CA ASN A 48 -2.00 -1.04 -5.04
CA ASN A 48 -1.84 -1.05 -4.81
C ASN A 48 -2.54 -1.98 -3.97
C ASN A 48 -2.55 -2.01 -3.87
N ILE A 49 -3.25 -3.01 -4.39
CA ILE A 49 -3.85 -3.94 -3.45
C ILE A 49 -2.71 -4.78 -2.87
N GLN A 50 -1.68 -5.03 -3.66
CA GLN A 50 -0.49 -5.70 -3.13
C GLN A 50 0.12 -4.90 -1.96
N ASN A 51 0.29 -3.60 -2.17
CA ASN A 51 0.95 -2.78 -1.14
C ASN A 51 0.08 -2.63 0.08
N TRP A 52 -1.22 -2.41 -0.13
CA TRP A 52 -2.17 -2.26 0.97
C TRP A 52 -2.26 -3.54 1.81
N LEU A 53 -2.43 -4.69 1.15
CA LEU A 53 -2.50 -5.96 1.88
C LEU A 53 -1.17 -6.21 2.61
N GLY A 54 -0.06 -5.90 1.94
CA GLY A 54 1.27 -6.05 2.52
C GLY A 54 1.51 -5.34 3.84
N GLY A 55 1.09 -4.09 3.95
CA GLY A 55 1.20 -3.36 5.20
C GLY A 55 0.46 -4.04 6.33
N ARG A 56 -0.79 -4.46 6.06
CA ARG A 56 -1.58 -5.24 7.03
C ARG A 56 -0.86 -6.53 7.47
N LEU A 57 -0.34 -7.28 6.51
CA LEU A 57 0.44 -8.47 6.81
C LEU A 57 1.65 -8.13 7.71
N LEU A 58 2.41 -7.12 7.33
CA LEU A 58 3.58 -6.71 8.13
C LEU A 58 3.20 -6.34 9.55
N LEU A 59 2.05 -5.70 9.70
CA LEU A 59 1.61 -5.25 11.02
C LEU A 59 1.27 -6.44 11.91
N VAL A 60 0.55 -7.42 11.35
CA VAL A 60 0.26 -8.65 12.09
C VAL A 60 1.57 -9.40 12.43
N GLU A 61 2.50 -9.43 11.48
CA GLU A 61 3.79 -10.07 11.71
C GLU A 61 4.59 -9.38 12.84
N GLN A 62 4.60 -8.05 12.82
CA GLN A 62 5.30 -7.28 13.85
C GLN A 62 4.68 -7.56 15.22
N THR A 63 3.36 -7.75 15.23
CA THR A 63 2.64 -8.02 16.47
C THR A 63 2.95 -9.42 17.02
N ALA A 64 3.06 -10.42 16.15
CA ALA A 64 3.38 -11.80 16.58
C ALA A 64 4.82 -11.91 17.07
N GLN A 65 5.75 -11.24 16.41
CA GLN A 65 7.14 -11.31 16.79
C GLN A 65 7.38 -10.65 18.15
N THR A 66 6.52 -9.69 18.52
CA THR A 66 6.60 -9.08 19.84
C THR A 66 6.03 -10.02 20.90
N LEU A 67 4.89 -10.63 20.59
CA LEU A 67 4.26 -11.58 21.52
C LEU A 67 5.14 -12.81 21.79
N ALA A 68 5.93 -13.19 20.79
CA ALA A 68 6.82 -14.34 20.88
C ALA A 68 7.77 -14.20 22.07
N ARG A 69 8.36 -13.01 22.17
CA ARG A 69 9.23 -12.64 23.28
C ARG A 69 8.48 -12.56 24.63
N ASP A 70 7.26 -12.03 24.63
CA ASP A 70 6.50 -11.88 25.89
C ASP A 70 4.99 -11.97 25.68
N HIS A 71 4.38 -13.03 26.22
CA HIS A 71 2.95 -13.26 26.03
C HIS A 71 2.18 -13.43 27.34
N SER A 72 2.65 -12.74 28.39
CA SER A 72 1.89 -12.63 29.64
C SER A 72 0.55 -11.95 29.42
N PRO A 73 -0.40 -12.22 30.27
CA PRO A 73 -1.74 -11.71 30.07
C PRO A 73 -1.79 -10.21 30.04
N GLU A 74 -1.02 -9.55 30.89
CA GLU A 74 -1.01 -8.10 30.91
C GLU A 74 -0.46 -7.51 29.66
N THR A 75 0.62 -8.08 29.17
CA THR A 75 1.22 -7.64 27.96
C THR A 75 0.34 -7.88 26.75
N VAL A 76 -0.33 -8.99 26.71
CA VAL A 76 -1.16 -9.31 25.55
C VAL A 76 -2.27 -8.30 25.42
N SER A 77 -2.95 -8.05 26.53
CA SER A 77 -4.03 -7.05 26.60
C SER A 77 -3.58 -5.66 26.13
N ALA A 78 -2.48 -5.16 26.67
CA ALA A 78 -2.02 -3.83 26.32
C ALA A 78 -1.61 -3.76 24.85
N LEU A 79 -0.88 -4.77 24.38
CA LEU A 79 -0.44 -4.79 22.99
C LEU A 79 -1.60 -4.67 22.01
N LEU A 80 -2.60 -5.55 22.17
CA LEU A 80 -3.78 -5.57 21.32
C LEU A 80 -4.62 -4.28 21.38
N GLU A 81 -4.51 -3.53 22.48
CA GLU A 81 -5.23 -2.27 22.62
C GLU A 81 -4.54 -1.05 21.98
N GLN A 82 -3.35 -1.25 21.41
CA GLN A 82 -2.62 -0.13 20.81
C GLN A 82 -3.37 0.37 19.59
N PRO A 83 -3.39 1.70 19.41
CA PRO A 83 -4.14 2.39 18.36
C PRO A 83 -3.76 1.99 16.94
N ALA A 84 -2.48 1.71 16.71
CA ALA A 84 -2.08 1.29 15.37
C ALA A 84 -2.86 0.04 14.96
N LEU A 85 -3.19 -0.80 15.93
CA LEU A 85 -3.98 -2.01 15.65
C LEU A 85 -5.49 -1.78 15.63
N THR A 86 -6.05 -1.13 16.65
CA THR A 86 -7.49 -0.97 16.75
C THR A 86 -8.05 -0.09 15.65
N SER A 87 -7.21 0.74 15.06
CA SER A 87 -7.66 1.64 14.01
C SER A 87 -7.49 1.02 12.63
N THR A 88 -6.77 -0.10 12.54
CA THR A 88 -6.52 -0.72 11.25
C THR A 88 -7.43 -1.91 11.00
N PHE A 89 -7.59 -2.75 12.03
CA PHE A 89 -8.39 -3.94 11.98
C PHE A 89 -9.66 -3.74 12.81
N SER A 90 -10.74 -4.41 12.40
CA SER A 90 -11.98 -4.44 13.18
CA SER A 90 -11.97 -4.39 13.19
C SER A 90 -11.73 -5.07 14.53
N PHE A 91 -10.99 -6.16 14.51
CA PHE A 91 -10.60 -6.93 15.70
C PHE A 91 -9.19 -7.50 15.47
N THR A 92 -8.37 -7.48 16.51
CA THR A 92 -7.08 -8.18 16.51
C THR A 92 -7.04 -9.15 17.70
N TYR A 93 -6.34 -10.28 17.54
CA TYR A 93 -6.44 -11.30 18.57
C TYR A 93 -5.32 -12.34 18.55
N LEU A 94 -5.18 -13.01 19.69
CA LEU A 94 -4.27 -14.15 19.86
C LEU A 94 -5.06 -15.37 20.28
N GLY A 95 -4.96 -16.44 19.48
CA GLY A 95 -5.43 -17.74 19.90
C GLY A 95 -4.20 -18.55 20.27
N GLN A 96 -4.19 -19.12 21.47
CA GLN A 96 -3.02 -19.88 21.89
C GLN A 96 -3.19 -21.38 21.61
N GLN A 97 -2.09 -22.10 21.61
CA GLN A 97 -2.16 -23.50 21.23
C GLN A 97 -2.93 -24.34 22.25
N ASP A 98 -3.13 -23.81 23.45
CA ASP A 98 -3.95 -24.49 24.44
C ASP A 98 -5.41 -24.08 24.33
N GLY A 99 -5.74 -23.31 23.29
CA GLY A 99 -7.12 -22.89 23.06
C GLY A 99 -7.57 -21.58 23.72
N VAL A 100 -6.71 -20.95 24.50
CA VAL A 100 -7.07 -19.68 25.15
C VAL A 100 -7.10 -18.54 24.15
N PHE A 101 -8.19 -17.75 24.16
CA PHE A 101 -8.41 -16.71 23.18
C PHE A 101 -8.48 -15.32 23.82
N THR A 102 -7.75 -14.36 23.26
CA THR A 102 -7.74 -12.99 23.77
C THR A 102 -7.92 -12.03 22.60
N MET A 103 -8.94 -11.16 22.68
CA MET A 103 -9.27 -10.25 21.58
C MET A 103 -9.56 -8.80 21.99
N ARG A 104 -9.20 -7.83 21.16
CA ARG A 104 -9.60 -6.43 21.36
C ARG A 104 -10.07 -5.78 20.06
N PRO A 105 -11.16 -5.00 20.12
CA PRO A 105 -11.99 -4.72 21.29
C PRO A 105 -12.77 -5.96 21.72
N ASP A 106 -13.44 -5.93 22.87
CA ASP A 106 -14.07 -7.14 23.38
C ASP A 106 -15.42 -7.40 22.72
N SER A 107 -15.92 -8.61 22.92
CA SER A 107 -17.13 -9.01 22.21
C SER A 107 -17.84 -10.08 23.01
N PRO A 108 -19.17 -10.15 22.85
CA PRO A 108 -19.87 -11.30 23.42
C PRO A 108 -19.35 -12.60 22.79
N MET A 109 -19.23 -13.64 23.58
CA MET A 109 -18.62 -14.88 23.12
C MET A 109 -19.64 -16.01 22.96
N PRO A 110 -19.71 -16.60 21.76
CA PRO A 110 -20.61 -17.73 21.50
C PRO A 110 -20.14 -18.94 22.29
N ALA A 111 -21.07 -19.74 22.79
CA ALA A 111 -20.73 -20.97 23.50
C ALA A 111 -19.96 -21.92 22.58
N GLY A 112 -18.93 -22.59 23.11
CA GLY A 112 -18.23 -23.63 22.39
C GLY A 112 -17.04 -23.19 21.56
N TYR A 113 -16.76 -21.90 21.55
CA TYR A 113 -15.70 -21.35 20.71
C TYR A 113 -14.33 -21.98 21.00
N ASP A 114 -13.59 -22.27 19.94
CA ASP A 114 -12.20 -22.77 20.01
C ASP A 114 -11.43 -22.16 18.84
N PRO A 115 -10.50 -21.25 19.13
CA PRO A 115 -9.82 -20.56 18.03
C PRO A 115 -9.05 -21.54 17.14
N ARG A 116 -8.63 -22.68 17.69
CA ARG A 116 -7.82 -23.62 16.91
C ARG A 116 -8.63 -24.31 15.82
N SER A 117 -9.95 -24.26 15.93
CA SER A 117 -10.80 -24.86 14.91
C SER A 117 -11.10 -23.88 13.76
N ARG A 118 -10.63 -22.64 13.87
CA ARG A 118 -11.06 -21.59 12.95
C ARG A 118 -10.17 -21.48 11.71
N PRO A 119 -10.71 -21.00 10.57
CA PRO A 119 -9.92 -20.96 9.33
C PRO A 119 -8.61 -20.15 9.43
N TRP A 120 -8.63 -19.02 10.16
CA TRP A 120 -7.42 -18.19 10.25
C TRP A 120 -6.32 -18.94 10.98
N TYR A 121 -6.70 -19.76 11.94
CA TYR A 121 -5.73 -20.49 12.74
C TYR A 121 -5.10 -21.62 11.90
N LYS A 122 -5.93 -22.46 11.33
CA LYS A 122 -5.47 -23.57 10.50
CA LYS A 122 -5.46 -23.57 10.50
C LYS A 122 -4.63 -23.08 9.30
N ASP A 123 -5.09 -22.02 8.64
CA ASP A 123 -4.37 -21.47 7.49
C ASP A 123 -2.97 -21.00 7.84
N ALA A 124 -2.83 -20.28 8.96
CA ALA A 124 -1.52 -19.78 9.35
C ALA A 124 -0.59 -20.96 9.67
N VAL A 125 -1.10 -21.93 10.40
CA VAL A 125 -0.30 -23.10 10.78
C VAL A 125 0.15 -23.90 9.56
N ALA A 126 -0.77 -24.13 8.62
CA ALA A 126 -0.43 -24.88 7.42
C ALA A 126 0.55 -24.11 6.53
N ALA A 127 0.48 -22.79 6.57
CA ALA A 127 1.34 -21.95 5.76
C ALA A 127 2.76 -21.93 6.33
N GLY A 128 2.88 -22.09 7.65
CA GLY A 128 4.19 -21.94 8.27
C GLY A 128 4.65 -20.49 8.32
N GLY A 129 3.71 -19.54 8.24
CA GLY A 129 4.05 -18.11 8.27
C GLY A 129 2.87 -17.22 7.89
N LEU A 130 3.12 -15.94 7.64
N LEU A 130 3.17 -15.96 7.59
CA LEU A 130 2.00 -15.01 7.43
CA LEU A 130 2.24 -14.98 7.03
C LEU A 130 1.27 -15.32 6.12
C LEU A 130 1.23 -15.53 6.04
N THR A 131 -0.04 -15.15 6.18
CA THR A 131 -0.98 -15.45 5.09
C THR A 131 -2.31 -14.75 5.28
N LEU A 132 -3.18 -14.97 4.31
CA LEU A 132 -4.51 -14.38 4.28
C LEU A 132 -5.51 -15.50 4.06
N THR A 133 -6.65 -15.42 4.73
CA THR A 133 -7.74 -16.36 4.48
C THR A 133 -8.59 -15.90 3.31
N GLU A 134 -9.35 -16.83 2.74
CA GLU A 134 -10.45 -16.45 1.90
C GLU A 134 -11.57 -15.97 2.84
N PRO A 135 -12.63 -15.34 2.29
CA PRO A 135 -13.72 -14.98 3.20
C PRO A 135 -14.31 -16.21 3.89
N TYR A 136 -14.65 -16.09 5.18
CA TYR A 136 -15.31 -17.13 5.96
C TYR A 136 -16.33 -16.43 6.88
N VAL A 137 -17.26 -17.19 7.46
CA VAL A 137 -18.34 -16.60 8.25
C VAL A 137 -17.88 -16.18 9.65
N ASP A 138 -17.94 -14.88 9.92
CA ASP A 138 -17.49 -14.36 11.22
C ASP A 138 -18.28 -14.95 12.41
N ALA A 139 -17.59 -15.20 13.53
CA ALA A 139 -18.17 -15.81 14.73
C ALA A 139 -19.30 -14.98 15.39
N ALA A 140 -19.27 -13.66 15.21
CA ALA A 140 -20.23 -12.76 15.83
C ALA A 140 -21.22 -12.19 14.82
N THR A 141 -20.71 -11.64 13.72
CA THR A 141 -21.61 -10.98 12.78
C THR A 141 -22.40 -11.97 11.92
N GLN A 142 -21.93 -13.21 11.84
CA GLN A 142 -22.47 -14.22 10.95
C GLN A 142 -22.42 -13.77 9.48
N GLU A 143 -21.50 -12.84 9.19
CA GLU A 143 -21.24 -12.35 7.84
C GLU A 143 -19.80 -12.65 7.44
N LEU A 144 -19.48 -12.47 6.17
CA LEU A 144 -18.18 -12.80 5.62
C LEU A 144 -17.09 -11.83 6.10
N ILE A 145 -15.92 -12.38 6.39
CA ILE A 145 -14.78 -11.57 6.87
C ILE A 145 -13.49 -12.15 6.28
N ILE A 146 -12.48 -11.31 6.11
CA ILE A 146 -11.15 -11.78 5.73
C ILE A 146 -10.16 -11.49 6.85
N THR A 147 -9.22 -12.40 7.07
CA THR A 147 -8.24 -12.27 8.16
C THR A 147 -6.78 -12.42 7.69
N ALA A 148 -5.94 -11.48 8.14
CA ALA A 148 -4.49 -11.58 7.99
C ALA A 148 -3.95 -12.27 9.23
N ALA A 149 -3.22 -13.36 9.04
CA ALA A 149 -2.83 -14.18 10.18
C ALA A 149 -1.43 -14.77 10.05
N THR A 150 -0.83 -15.12 11.19
CA THR A 150 0.54 -15.63 11.21
C THR A 150 0.79 -16.35 12.53
N PRO A 151 1.61 -17.41 12.50
CA PRO A 151 1.91 -18.13 13.74
C PRO A 151 2.87 -17.35 14.63
N VAL A 152 2.79 -17.58 15.94
CA VAL A 152 3.72 -16.99 16.86
C VAL A 152 4.85 -17.98 17.07
N LYS A 153 6.05 -17.57 16.65
CA LYS A 153 7.22 -18.44 16.62
CA LYS A 153 7.23 -18.43 16.62
C LYS A 153 8.24 -18.08 17.68
N ALA A 154 8.51 -19.02 18.59
CA ALA A 154 9.53 -18.85 19.62
C ALA A 154 10.33 -20.14 19.73
N ALA A 155 11.64 -20.03 19.49
CA ALA A 155 12.57 -21.16 19.56
C ALA A 155 12.16 -22.33 18.64
N GLY A 156 11.74 -22.00 17.42
CA GLY A 156 11.36 -23.02 16.46
C GLY A 156 9.96 -23.56 16.68
N ASN A 157 9.39 -23.29 17.86
CA ASN A 157 8.05 -23.75 18.21
C ASN A 157 6.95 -22.72 17.90
N THR A 158 5.73 -23.24 17.79
CA THR A 158 4.55 -22.43 17.51
C THR A 158 3.72 -22.29 18.77
N LEU A 159 3.61 -21.07 19.31
CA LEU A 159 2.85 -20.85 20.55
C LEU A 159 1.38 -20.53 20.29
N GLY A 160 1.05 -20.18 19.05
CA GLY A 160 -0.32 -19.84 18.68
C GLY A 160 -0.33 -19.03 17.41
N VAL A 161 -1.45 -18.39 17.14
CA VAL A 161 -1.62 -17.60 15.92
C VAL A 161 -2.19 -16.22 16.27
N VAL A 162 -1.70 -15.19 15.59
CA VAL A 162 -2.25 -13.84 15.70
C VAL A 162 -3.04 -13.55 14.44
N GLY A 163 -4.22 -12.94 14.59
CA GLY A 163 -5.07 -12.59 13.46
C GLY A 163 -5.61 -11.16 13.52
N GLY A 164 -5.75 -10.54 12.34
CA GLY A 164 -6.34 -9.22 12.23
C GLY A 164 -7.42 -9.26 11.17
N ASP A 165 -8.62 -8.77 11.52
CA ASP A 165 -9.80 -8.89 10.64
C ASP A 165 -9.95 -7.70 9.70
N LEU A 166 -10.29 -8.03 8.46
CA LEU A 166 -10.47 -7.04 7.40
C LEU A 166 -11.85 -7.18 6.75
N SER A 167 -12.50 -6.06 6.47
N SER A 167 -12.49 -6.06 6.45
CA SER A 167 -13.83 -6.08 5.88
CA SER A 167 -13.83 -6.07 5.86
C SER A 167 -13.76 -6.12 4.36
C SER A 167 -13.74 -6.14 4.35
N LEU A 168 -14.61 -6.94 3.75
CA LEU A 168 -14.63 -7.12 2.29
C LEU A 168 -14.87 -5.81 1.57
N LYS A 169 -15.79 -5.03 2.11
CA LYS A 169 -16.16 -3.73 1.53
C LYS A 169 -14.96 -2.81 1.39
N THR A 170 -14.06 -2.87 2.38
CA THR A 170 -12.87 -2.04 2.34
C THR A 170 -11.97 -2.44 1.17
N LEU A 171 -11.79 -3.74 0.93
CA LEU A 171 -10.98 -4.21 -0.21
C LEU A 171 -11.58 -3.77 -1.55
N VAL A 172 -12.91 -3.72 -1.61
CA VAL A 172 -13.61 -3.31 -2.84
C VAL A 172 -13.28 -1.87 -3.20
N GLN A 173 -13.30 -1.00 -2.18
CA GLN A 173 -13.10 0.42 -2.37
C GLN A 173 -11.72 0.68 -2.92
N ILE A 174 -10.73 -0.05 -2.40
CA ILE A 174 -9.34 0.14 -2.80
C ILE A 174 -9.08 -0.25 -4.25
N ILE A 175 -9.63 -1.37 -4.70
CA ILE A 175 -9.36 -1.80 -6.06
C ILE A 175 -10.26 -1.05 -7.03
N ASN A 176 -11.24 -0.31 -6.50
CA ASN A 176 -12.10 0.50 -7.35
C ASN A 176 -11.96 2.03 -7.16
N SER A 177 -10.76 2.49 -6.83
CA SER A 177 -10.45 3.92 -6.81
C SER A 177 -10.70 4.57 -8.16
N LEU A 178 -10.35 3.83 -9.22
CA LEU A 178 -10.37 4.32 -10.60
C LEU A 178 -11.73 4.10 -11.24
N ASP A 179 -11.95 4.74 -12.39
CA ASP A 179 -13.30 4.82 -12.96
C ASP A 179 -13.89 3.56 -13.63
N PHE A 180 -13.23 2.86 -14.57
CA PHE A 180 -11.92 3.10 -15.20
C PHE A 180 -12.14 3.81 -16.52
N SER A 181 -12.07 5.14 -16.53
CA SER A 181 -12.63 5.93 -17.63
C SER A 181 -14.12 5.60 -17.86
N GLY A 182 -14.82 5.13 -16.83
CA GLY A 182 -16.24 4.80 -16.93
C GLY A 182 -16.58 3.48 -17.64
N MET A 183 -15.56 2.70 -17.97
CA MET A 183 -15.70 1.47 -18.76
CA MET A 183 -15.73 1.48 -18.75
C MET A 183 -16.08 0.23 -17.93
N GLY A 184 -15.81 0.25 -16.63
CA GLY A 184 -16.06 -0.92 -15.81
C GLY A 184 -15.54 -0.86 -14.39
N TYR A 185 -15.29 -2.02 -13.80
CA TYR A 185 -14.97 -2.13 -12.38
C TYR A 185 -14.01 -3.30 -12.15
N ALA A 186 -13.47 -3.41 -10.93
CA ALA A 186 -12.53 -4.47 -10.58
C ALA A 186 -13.04 -5.38 -9.47
N PHE A 187 -12.63 -6.66 -9.49
CA PHE A 187 -12.95 -7.58 -8.39
C PHE A 187 -11.78 -8.53 -8.14
N LEU A 188 -11.84 -9.31 -7.06
CA LEU A 188 -10.77 -10.23 -6.72
C LEU A 188 -11.20 -11.68 -6.95
N VAL A 189 -10.33 -12.51 -7.52
CA VAL A 189 -10.70 -13.90 -7.75
C VAL A 189 -9.50 -14.82 -7.54
N SER A 190 -9.74 -15.99 -6.95
CA SER A 190 -8.65 -16.94 -6.72
C SER A 190 -8.25 -17.64 -8.03
N GLY A 191 -7.07 -18.26 -8.04
CA GLY A 191 -6.63 -19.06 -9.17
C GLY A 191 -7.57 -20.24 -9.46
N ASP A 192 -8.29 -20.68 -8.45
CA ASP A 192 -9.30 -21.71 -8.57
C ASP A 192 -10.60 -21.20 -9.21
N GLY A 193 -10.69 -19.91 -9.40
CA GLY A 193 -11.90 -19.31 -9.92
C GLY A 193 -12.95 -18.86 -8.95
N LYS A 194 -12.64 -18.79 -7.67
CA LYS A 194 -13.63 -18.35 -6.68
CA LYS A 194 -13.64 -18.34 -6.70
C LYS A 194 -13.60 -16.83 -6.53
N ILE A 195 -14.73 -16.17 -6.77
CA ILE A 195 -14.84 -14.72 -6.57
C ILE A 195 -14.78 -14.39 -5.08
N LEU A 196 -13.77 -13.61 -4.68
CA LEU A 196 -13.50 -13.35 -3.26
C LEU A 196 -14.11 -12.06 -2.74
N VAL A 197 -14.12 -11.06 -3.61
CA VAL A 197 -14.51 -9.70 -3.27
C VAL A 197 -15.08 -9.09 -4.56
N HIS A 198 -16.23 -8.42 -4.48
CA HIS A 198 -16.92 -7.95 -5.68
C HIS A 198 -17.85 -6.80 -5.30
N PRO A 199 -17.90 -5.74 -6.12
CA PRO A 199 -18.86 -4.64 -5.84
C PRO A 199 -20.32 -5.09 -5.78
N ASP A 200 -20.67 -6.20 -6.43
CA ASP A 200 -22.03 -6.73 -6.34
C ASP A 200 -22.03 -7.87 -5.34
N LYS A 201 -22.62 -7.62 -4.18
CA LYS A 201 -22.61 -8.56 -3.06
C LYS A 201 -23.09 -9.97 -3.42
N GLU A 202 -24.03 -10.05 -4.35
CA GLU A 202 -24.59 -11.35 -4.73
C GLU A 202 -23.57 -12.22 -5.48
N GLN A 203 -22.47 -11.64 -5.95
CA GLN A 203 -21.55 -12.43 -6.75
C GLN A 203 -20.43 -13.04 -5.89
N VAL A 204 -20.35 -12.59 -4.64
CA VAL A 204 -19.29 -13.01 -3.73
C VAL A 204 -19.31 -14.51 -3.39
N MET A 205 -18.17 -15.17 -3.53
CA MET A 205 -17.98 -16.60 -3.23
C MET A 205 -18.75 -17.51 -4.18
N LYS A 206 -19.27 -16.92 -5.26
CA LYS A 206 -19.61 -17.72 -6.44
C LYS A 206 -18.35 -17.99 -7.26
N THR A 207 -18.40 -18.98 -8.12
CA THR A 207 -17.30 -19.22 -9.05
C THR A 207 -17.59 -18.54 -10.38
N LEU A 208 -16.55 -18.34 -11.17
CA LEU A 208 -16.65 -17.82 -12.54
C LEU A 208 -17.59 -18.68 -13.39
N SER A 209 -17.58 -19.99 -13.17
CA SER A 209 -18.47 -20.91 -13.89
C SER A 209 -19.94 -20.69 -13.53
N GLU A 210 -20.22 -20.38 -12.27
CA GLU A 210 -21.60 -20.10 -11.87
C GLU A 210 -22.07 -18.78 -12.45
N VAL A 211 -21.18 -17.80 -12.52
CA VAL A 211 -21.58 -16.49 -13.03
C VAL A 211 -21.69 -16.54 -14.56
N TYR A 212 -20.77 -17.28 -15.20
CA TYR A 212 -20.71 -17.40 -16.66
C TYR A 212 -20.73 -18.86 -17.12
N PRO A 213 -21.89 -19.53 -17.03
CA PRO A 213 -21.98 -20.97 -17.34
C PRO A 213 -21.78 -21.35 -18.82
N GLN A 214 -22.20 -20.49 -19.74
N GLN A 214 -22.17 -20.45 -19.72
CA GLN A 214 -22.12 -20.86 -21.16
CA GLN A 214 -22.21 -20.72 -21.15
C GLN A 214 -20.71 -20.70 -21.69
C GLN A 214 -20.84 -20.58 -21.81
N ASN A 215 -20.09 -19.56 -21.41
CA ASN A 215 -18.76 -19.29 -21.90
CA ASN A 215 -18.75 -19.29 -21.91
C ASN A 215 -17.88 -18.68 -20.81
N THR A 216 -17.19 -19.53 -20.07
CA THR A 216 -16.45 -19.11 -18.90
C THR A 216 -15.08 -18.51 -19.22
N PRO A 217 -14.88 -17.24 -18.87
CA PRO A 217 -13.56 -16.58 -18.90
C PRO A 217 -12.45 -17.49 -18.34
N LYS A 218 -11.30 -17.54 -19.02
CA LYS A 218 -10.17 -18.31 -18.54
C LYS A 218 -9.16 -17.38 -17.89
N ILE A 219 -8.69 -17.74 -16.71
CA ILE A 219 -7.85 -16.82 -15.96
C ILE A 219 -6.47 -16.68 -16.63
N ALA A 220 -5.89 -17.80 -17.07
CA ALA A 220 -4.60 -17.78 -17.77
C ALA A 220 -4.63 -16.91 -19.04
N THR A 221 -5.62 -17.14 -19.89
CA THR A 221 -5.84 -16.37 -21.13
C THR A 221 -5.91 -14.85 -20.93
N GLY A 222 -5.15 -14.11 -21.74
CA GLY A 222 -5.06 -12.66 -21.63
C GLY A 222 -6.37 -11.90 -21.55
N PHE A 223 -7.20 -12.03 -22.57
CA PHE A 223 -8.47 -11.31 -22.64
C PHE A 223 -9.60 -12.23 -23.10
N SER A 224 -10.71 -12.23 -22.35
CA SER A 224 -11.86 -13.08 -22.63
C SER A 224 -13.09 -12.20 -22.83
N GLU A 225 -14.00 -12.63 -23.68
CA GLU A 225 -15.32 -11.99 -23.81
C GLU A 225 -16.37 -12.87 -23.18
N ALA A 226 -17.32 -12.25 -22.50
CA ALA A 226 -18.40 -13.00 -21.86
C ALA A 226 -19.64 -12.11 -21.75
N GLU A 227 -20.79 -12.71 -21.44
CA GLU A 227 -22.03 -11.97 -21.36
CA GLU A 227 -22.04 -11.97 -21.36
C GLU A 227 -22.57 -11.94 -19.94
N LEU A 228 -22.90 -10.74 -19.46
CA LEU A 228 -23.37 -10.56 -18.09
C LEU A 228 -24.50 -9.54 -18.03
N HIS A 229 -25.63 -9.93 -17.45
CA HIS A 229 -26.82 -9.08 -17.36
C HIS A 229 -27.23 -8.46 -18.70
N GLY A 230 -27.10 -9.22 -19.78
CA GLY A 230 -27.49 -8.75 -21.09
C GLY A 230 -26.47 -7.97 -21.93
N HIS A 231 -25.27 -7.77 -21.39
CA HIS A 231 -24.25 -6.97 -22.09
C HIS A 231 -22.94 -7.74 -22.27
N THR A 232 -22.28 -7.51 -23.39
CA THR A 232 -20.97 -8.11 -23.61
C THR A 232 -19.88 -7.45 -22.76
N ARG A 233 -19.13 -8.26 -22.00
CA ARG A 233 -18.02 -7.70 -21.21
C ARG A 233 -16.67 -8.29 -21.60
N ILE A 234 -15.61 -7.50 -21.40
CA ILE A 234 -14.26 -8.01 -21.54
C ILE A 234 -13.62 -8.18 -20.16
N LEU A 235 -13.11 -9.38 -19.89
CA LEU A 235 -12.42 -9.68 -18.64
C LEU A 235 -10.92 -9.90 -18.79
N ALA A 236 -10.14 -9.40 -17.83
CA ALA A 236 -8.69 -9.54 -17.84
C ALA A 236 -8.17 -9.73 -16.41
N PHE A 237 -7.20 -10.62 -16.26
CA PHE A 237 -6.75 -11.05 -14.94
C PHE A 237 -5.27 -10.77 -14.72
N THR A 238 -4.93 -10.16 -13.59
CA THR A 238 -3.54 -9.81 -13.24
C THR A 238 -3.12 -10.44 -11.92
N PRO A 239 -2.04 -11.22 -11.92
CA PRO A 239 -1.51 -11.83 -10.68
C PRO A 239 -1.27 -10.77 -9.63
N ILE A 240 -1.53 -11.08 -8.36
CA ILE A 240 -1.17 -10.18 -7.28
C ILE A 240 0.02 -10.78 -6.56
N LYS A 241 1.13 -10.06 -6.61
CA LYS A 241 2.39 -10.51 -6.04
CA LYS A 241 2.36 -10.58 -6.03
C LYS A 241 2.44 -10.28 -4.53
N GLY A 242 3.35 -10.98 -3.85
CA GLY A 242 3.58 -10.75 -2.43
C GLY A 242 2.49 -11.17 -1.47
N LEU A 243 1.68 -12.15 -1.88
CA LEU A 243 0.70 -12.74 -0.97
C LEU A 243 1.12 -14.19 -0.68
N PRO A 244 1.76 -14.41 0.48
CA PRO A 244 2.25 -15.77 0.74
C PRO A 244 1.14 -16.78 0.94
N SER A 245 1.30 -17.91 0.24
CA SER A 245 0.47 -19.13 0.36
C SER A 245 -0.92 -19.03 -0.24
N VAL A 246 -1.20 -17.94 -0.96
CA VAL A 246 -2.42 -17.89 -1.76
C VAL A 246 -2.09 -17.48 -3.18
N THR A 247 -2.99 -17.77 -4.10
CA THR A 247 -2.83 -17.33 -5.47
C THR A 247 -4.07 -16.55 -5.88
N TRP A 248 -3.99 -15.22 -5.77
CA TRP A 248 -5.14 -14.35 -6.05
C TRP A 248 -4.88 -13.47 -7.27
N TYR A 249 -5.91 -13.22 -8.07
CA TYR A 249 -5.79 -12.35 -9.23
C TYR A 249 -6.63 -11.11 -9.07
N LEU A 250 -6.17 -10.02 -9.67
CA LEU A 250 -7.03 -8.87 -9.79
C LEU A 250 -7.74 -8.96 -11.13
N ALA A 251 -9.06 -8.86 -11.09
CA ALA A 251 -9.85 -8.95 -12.33
C ALA A 251 -10.43 -7.61 -12.71
N LEU A 252 -10.31 -7.24 -14.00
CA LEU A 252 -11.05 -6.10 -14.55
C LEU A 252 -12.20 -6.62 -15.43
N SER A 253 -13.36 -6.01 -15.26
CA SER A 253 -14.56 -6.39 -16.01
C SER A 253 -15.13 -5.14 -16.66
N ILE A 254 -15.03 -5.12 -17.99
CA ILE A 254 -15.20 -3.92 -18.79
C ILE A 254 -16.34 -4.08 -19.78
N ASP A 255 -17.15 -3.03 -19.92
CA ASP A 255 -18.23 -3.00 -20.91
C ASP A 255 -17.66 -2.86 -22.33
N LYS A 256 -17.80 -3.89 -23.15
CA LYS A 256 -17.20 -3.88 -24.49
C LYS A 256 -17.70 -2.75 -25.40
N ASP A 257 -19.02 -2.63 -25.54
CA ASP A 257 -19.60 -1.58 -26.38
C ASP A 257 -19.14 -0.18 -25.98
N LYS A 258 -19.12 0.12 -24.69
CA LYS A 258 -18.68 1.43 -24.21
C LYS A 258 -17.19 1.67 -24.48
N ALA A 259 -16.36 0.67 -24.22
CA ALA A 259 -14.93 0.78 -24.42
C ALA A 259 -14.58 1.13 -25.88
N TYR A 260 -15.07 0.32 -26.81
CA TYR A 260 -14.78 0.54 -28.23
C TYR A 260 -15.30 1.91 -28.69
N ALA A 261 -16.47 2.31 -28.23
CA ALA A 261 -16.99 3.60 -28.60
C ALA A 261 -15.97 4.66 -28.25
N MET A 262 -15.17 4.39 -27.24
CA MET A 262 -14.00 5.14 -26.87
CA MET A 262 -14.13 5.09 -26.47
C MET A 262 -14.26 5.75 -25.07
N ASN B 28 -10.32 20.76 -29.40
CA ASN B 28 -10.47 20.69 -27.96
C ASN B 28 -10.81 19.28 -27.53
N ALA B 29 -11.32 18.50 -28.45
CA ALA B 29 -11.60 17.10 -28.17
C ALA B 29 -10.30 16.42 -27.86
N ILE B 30 -9.25 16.81 -28.57
CA ILE B 30 -7.96 16.19 -28.36
C ILE B 30 -7.41 16.60 -27.02
N ARG B 31 -7.40 17.88 -26.72
CA ARG B 31 -6.86 18.26 -25.42
C ARG B 31 -7.64 17.68 -24.26
N GLU B 32 -8.95 17.64 -24.39
CA GLU B 32 -9.77 17.13 -23.32
C GLU B 32 -9.52 15.68 -23.06
N ASP B 33 -9.31 14.91 -24.09
CA ASP B 33 -8.95 13.54 -23.92
C ASP B 33 -7.58 13.41 -23.29
N LEU B 34 -6.63 14.22 -23.71
CA LEU B 34 -5.32 14.15 -23.11
C LEU B 34 -5.40 14.46 -21.63
N GLU B 35 -6.11 15.52 -21.29
CA GLU B 35 -6.26 15.91 -19.91
C GLU B 35 -6.95 14.79 -19.18
N SER B 36 -7.88 14.13 -19.81
CA SER B 36 -8.62 13.11 -19.10
C SER B 36 -7.77 11.96 -18.61
N TYR B 37 -6.83 11.53 -19.42
CA TYR B 37 -6.09 10.34 -19.07
C TYR B 37 -4.91 10.67 -18.19
N LEU B 38 -4.52 11.94 -18.17
CA LEU B 38 -3.30 12.25 -17.47
C LEU B 38 -3.78 12.67 -16.09
N ARG B 39 -5.06 12.97 -15.94
CA ARG B 39 -5.66 13.13 -14.66
C ARG B 39 -5.79 11.79 -13.97
N GLU B 40 -6.20 10.79 -14.71
CA GLU B 40 -6.33 9.43 -14.17
C GLU B 40 -4.97 8.81 -13.81
N MET B 41 -3.90 9.14 -14.55
CA MET B 41 -2.59 8.58 -14.20
C MET B 41 -2.00 9.21 -12.94
N GLY B 42 -2.17 10.52 -12.80
CA GLY B 42 -1.83 11.19 -11.54
C GLY B 42 -2.58 10.55 -10.38
N ASP B 43 -3.85 10.25 -10.61
CA ASP B 43 -4.71 9.71 -9.55
C ASP B 43 -4.29 8.32 -9.09
N VAL B 44 -3.86 7.48 -10.01
CA VAL B 44 -3.60 6.10 -9.65
C VAL B 44 -2.17 5.93 -9.10
N THR B 45 -1.22 6.64 -9.70
CA THR B 45 0.15 6.73 -9.22
C THR B 45 0.22 7.28 -7.80
N SER B 46 -0.62 8.28 -7.52
CA SER B 46 -0.67 8.88 -6.20
C SER B 46 -1.14 7.88 -5.17
N SER B 47 -2.18 7.13 -5.52
CA SER B 47 -2.70 6.10 -4.63
C SER B 47 -1.64 5.02 -4.37
N ASN B 48 -0.87 4.70 -5.40
CA ASN B 48 0.17 3.69 -5.27
C ASN B 48 1.26 4.07 -4.26
N ILE B 49 1.83 5.26 -4.40
CA ILE B 49 2.83 5.72 -3.45
C ILE B 49 2.20 5.82 -2.05
N GLN B 50 0.95 6.25 -2.00
CA GLN B 50 0.21 6.32 -0.74
C GLN B 50 0.14 4.96 -0.04
N ASN B 51 -0.30 3.93 -0.76
CA ASN B 51 -0.45 2.62 -0.14
C ASN B 51 0.89 1.90 0.09
N TRP B 52 1.92 2.23 -0.70
CA TRP B 52 3.27 1.73 -0.39
C TRP B 52 3.78 2.32 0.94
N LEU B 53 3.58 3.62 1.12
CA LEU B 53 4.02 4.31 2.34
C LEU B 53 3.24 3.92 3.59
N GLY B 54 1.95 3.65 3.42
CA GLY B 54 1.03 3.43 4.53
C GLY B 54 1.45 2.37 5.53
N GLY B 55 1.88 1.22 5.02
CA GLY B 55 2.35 0.15 5.87
C GLY B 55 3.62 0.52 6.63
N ARG B 56 4.53 1.25 5.97
CA ARG B 56 5.74 1.73 6.62
C ARG B 56 5.37 2.58 7.83
N LEU B 57 4.43 3.48 7.63
CA LEU B 57 4.02 4.42 8.68
C LEU B 57 3.42 3.68 9.87
N LEU B 58 2.62 2.64 9.60
CA LEU B 58 1.98 1.89 10.67
C LEU B 58 3.00 1.15 11.51
N LEU B 59 4.05 0.64 10.86
CA LEU B 59 5.12 -0.07 11.55
C LEU B 59 5.86 0.84 12.51
N VAL B 60 6.19 2.03 12.03
CA VAL B 60 6.82 3.04 12.88
C VAL B 60 5.92 3.33 14.09
N GLU B 61 4.64 3.58 13.83
CA GLU B 61 3.68 3.93 14.87
C GLU B 61 3.54 2.81 15.91
N GLN B 62 3.38 1.58 15.43
CA GLN B 62 3.22 0.41 16.29
C GLN B 62 4.46 0.18 17.15
N THR B 63 5.63 0.45 16.58
CA THR B 63 6.88 0.31 17.31
C THR B 63 6.97 1.34 18.46
N ALA B 64 6.59 2.59 18.17
CA ALA B 64 6.62 3.62 19.21
C ALA B 64 5.68 3.27 20.34
N GLN B 65 4.48 2.81 19.99
CA GLN B 65 3.47 2.51 20.98
C GLN B 65 3.88 1.37 21.91
N THR B 66 4.59 0.40 21.37
CA THR B 66 5.14 -0.69 22.15
C THR B 66 6.21 -0.19 23.12
N LEU B 67 7.11 0.63 22.58
CA LEU B 67 8.19 1.19 23.38
C LEU B 67 7.69 2.11 24.50
N ALA B 68 6.52 2.74 24.30
CA ALA B 68 5.95 3.60 25.31
C ALA B 68 5.61 2.82 26.57
N ARG B 69 5.32 1.53 26.42
N ARG B 69 5.34 1.53 26.43
CA ARG B 69 4.99 0.68 27.55
CA ARG B 69 5.00 0.70 27.58
C ARG B 69 6.26 0.05 28.14
C ARG B 69 6.24 0.02 28.15
N ASP B 70 7.19 -0.32 27.28
CA ASP B 70 8.45 -0.96 27.72
C ASP B 70 9.62 -0.51 26.85
N HIS B 71 10.56 0.22 27.45
CA HIS B 71 11.73 0.69 26.72
C HIS B 71 13.01 0.34 27.44
N SER B 72 12.99 -0.75 28.20
CA SER B 72 14.21 -1.31 28.75
C SER B 72 15.17 -1.63 27.59
N PRO B 73 16.49 -1.59 27.84
CA PRO B 73 17.50 -1.87 26.82
C PRO B 73 17.29 -3.19 26.08
N GLU B 74 17.01 -4.25 26.82
CA GLU B 74 16.82 -5.58 26.26
C GLU B 74 15.63 -5.58 25.30
N THR B 75 14.52 -4.99 25.74
CA THR B 75 13.36 -4.81 24.88
C THR B 75 13.70 -4.02 23.62
N VAL B 76 14.32 -2.85 23.80
CA VAL B 76 14.64 -2.00 22.65
C VAL B 76 15.48 -2.77 21.63
N SER B 77 16.50 -3.48 22.12
CA SER B 77 17.39 -4.32 21.31
C SER B 77 16.59 -5.39 20.54
N ALA B 78 15.86 -6.20 21.29
CA ALA B 78 15.03 -7.27 20.72
C ALA B 78 14.00 -6.75 19.74
N LEU B 79 13.35 -5.63 20.06
CA LEU B 79 12.31 -5.12 19.21
C LEU B 79 12.84 -4.67 17.85
N LEU B 80 13.96 -3.94 17.85
CA LEU B 80 14.51 -3.40 16.61
C LEU B 80 15.15 -4.50 15.73
N GLU B 81 15.41 -5.67 16.31
CA GLU B 81 15.97 -6.80 15.57
C GLU B 81 14.90 -7.72 14.95
N GLN B 82 13.63 -7.41 15.15
CA GLN B 82 12.55 -8.18 14.53
C GLN B 82 12.61 -8.00 13.02
N PRO B 83 12.60 -9.11 12.27
CA PRO B 83 12.67 -9.12 10.80
C PRO B 83 11.66 -8.20 10.12
N ALA B 84 10.46 -8.05 10.68
CA ALA B 84 9.48 -7.20 10.03
C ALA B 84 9.95 -5.75 9.90
N LEU B 85 10.84 -5.32 10.80
CA LEU B 85 11.46 -4.01 10.73
C LEU B 85 12.74 -4.04 9.89
N THR B 86 13.66 -4.93 10.23
CA THR B 86 14.97 -4.93 9.59
C THR B 86 14.92 -5.35 8.12
N SER B 87 13.85 -6.03 7.72
CA SER B 87 13.66 -6.32 6.31
C SER B 87 12.81 -5.28 5.56
N THR B 88 12.37 -4.23 6.27
CA THR B 88 11.54 -3.19 5.66
C THR B 88 12.31 -1.87 5.48
N PHE B 89 13.01 -1.43 6.52
CA PHE B 89 13.83 -0.22 6.46
C PHE B 89 15.33 -0.55 6.40
N SER B 90 16.12 0.29 5.74
CA SER B 90 17.58 0.13 5.78
C SER B 90 18.11 0.22 7.21
N PHE B 91 17.62 1.22 7.95
CA PHE B 91 17.90 1.32 9.39
C PHE B 91 16.66 1.70 10.19
N THR B 92 16.45 1.01 11.30
CA THR B 92 15.43 1.39 12.26
C THR B 92 16.12 1.75 13.59
N TYR B 93 15.59 2.72 14.32
CA TYR B 93 16.27 3.22 15.50
C TYR B 93 15.40 4.01 16.50
N LEU B 94 15.90 4.09 17.73
CA LEU B 94 15.31 4.91 18.78
C LEU B 94 16.33 5.94 19.26
N GLY B 95 15.96 7.22 19.20
CA GLY B 95 16.75 8.25 19.84
C GLY B 95 16.05 8.61 21.14
N GLN B 96 16.73 8.56 22.28
CA GLN B 96 16.03 8.86 23.55
C GLN B 96 16.27 10.30 24.01
N GLN B 97 15.60 10.72 25.08
CA GLN B 97 15.36 12.14 25.26
C GLN B 97 16.64 12.62 25.96
N ASP B 98 17.35 11.66 26.55
CA ASP B 98 18.64 11.92 27.15
C ASP B 98 19.81 11.78 26.15
N GLY B 99 19.52 11.52 24.88
CA GLY B 99 20.58 11.41 23.88
C GLY B 99 21.07 10.02 23.51
N VAL B 100 20.67 9.01 24.29
CA VAL B 100 21.06 7.63 23.96
C VAL B 100 20.44 7.19 22.63
N PHE B 101 21.25 6.51 21.81
CA PHE B 101 20.87 6.11 20.45
C PHE B 101 21.10 4.60 20.22
N THR B 102 20.03 3.91 19.83
CA THR B 102 20.06 2.47 19.54
C THR B 102 19.53 2.24 18.14
N MET B 103 20.27 1.49 17.32
CA MET B 103 19.90 1.29 15.92
C MET B 103 20.19 -0.14 15.44
N ARG B 104 19.35 -0.64 14.53
CA ARG B 104 19.59 -1.91 13.83
C ARG B 104 19.35 -1.79 12.32
N PRO B 105 20.23 -2.38 11.50
CA PRO B 105 21.46 -3.08 11.89
C PRO B 105 22.57 -2.12 12.33
N ASP B 106 23.64 -2.69 12.90
CA ASP B 106 24.82 -1.95 13.37
C ASP B 106 25.44 -1.10 12.30
N SER B 107 25.93 0.06 12.71
CA SER B 107 26.74 0.89 11.81
C SER B 107 27.90 1.51 12.57
N PRO B 108 29.04 1.72 11.89
CA PRO B 108 30.08 2.56 12.46
C PRO B 108 29.49 3.93 12.81
N MET B 109 29.89 4.47 13.96
CA MET B 109 29.35 5.71 14.50
C MET B 109 30.35 6.86 14.36
N PRO B 110 29.91 7.96 13.74
CA PRO B 110 30.75 9.17 13.66
C PRO B 110 30.84 9.86 15.02
N ALA B 111 31.97 10.52 15.28
CA ALA B 111 32.14 11.26 16.51
C ALA B 111 31.17 12.45 16.59
N GLY B 112 30.72 12.75 17.80
CA GLY B 112 29.86 13.91 18.03
C GLY B 112 28.37 13.73 17.73
N TYR B 113 27.93 12.53 17.38
CA TYR B 113 26.52 12.31 17.01
C TYR B 113 25.57 12.50 18.18
N ASP B 114 24.46 13.19 17.93
CA ASP B 114 23.36 13.35 18.88
C ASP B 114 22.03 13.26 18.12
N PRO B 115 21.21 12.25 18.43
CA PRO B 115 19.95 12.09 17.70
C PRO B 115 19.00 13.28 17.85
N ARG B 116 19.04 13.98 18.98
CA ARG B 116 18.07 15.04 19.27
C ARG B 116 18.31 16.28 18.41
N SER B 117 19.49 16.38 17.79
CA SER B 117 19.79 17.48 16.87
C SER B 117 19.39 17.17 15.41
N ARG B 118 19.01 15.93 15.11
CA ARG B 118 18.72 15.50 13.73
C ARG B 118 17.32 15.89 13.22
N PRO B 119 17.18 16.06 11.89
CA PRO B 119 15.91 16.45 11.26
C PRO B 119 14.70 15.58 11.64
N TRP B 120 14.89 14.27 11.69
CA TRP B 120 13.79 13.37 12.00
C TRP B 120 13.34 13.50 13.45
N TYR B 121 14.27 13.82 14.34
CA TYR B 121 13.91 14.00 15.74
C TYR B 121 13.07 15.26 15.91
N LYS B 122 13.60 16.36 15.38
CA LYS B 122 12.94 17.66 15.48
CA LYS B 122 12.95 17.66 15.46
C LYS B 122 11.56 17.66 14.82
N ASP B 123 11.49 17.16 13.59
CA ASP B 123 10.22 17.08 12.85
C ASP B 123 9.13 16.28 13.59
N ALA B 124 9.50 15.14 14.18
CA ALA B 124 8.52 14.33 14.88
C ALA B 124 8.01 15.05 16.12
N VAL B 125 8.90 15.73 16.82
CA VAL B 125 8.51 16.46 18.02
C VAL B 125 7.57 17.60 17.66
N ALA B 126 7.93 18.36 16.62
CA ALA B 126 7.11 19.49 16.15
C ALA B 126 5.70 19.07 15.69
N ALA B 127 5.62 17.92 15.05
CA ALA B 127 4.35 17.41 14.56
C ALA B 127 3.48 16.87 15.71
N GLY B 128 4.13 16.39 16.77
CA GLY B 128 3.40 15.76 17.87
C GLY B 128 2.86 14.37 17.56
N GLY B 129 3.39 13.76 16.51
CA GLY B 129 2.92 12.47 16.01
C GLY B 129 3.67 12.10 14.73
N LEU B 130 3.14 11.12 14.00
CA LEU B 130 3.76 10.64 12.76
C LEU B 130 4.12 11.72 11.74
N THR B 131 5.32 11.64 11.15
CA THR B 131 5.61 12.48 9.99
C THR B 131 6.66 11.90 9.04
N LEU B 132 6.90 12.60 7.94
CA LEU B 132 7.95 12.24 7.00
C LEU B 132 8.86 13.43 6.84
N THR B 133 10.16 13.21 6.97
CA THR B 133 11.12 14.29 6.75
C THR B 133 11.23 14.54 5.27
N GLU B 134 11.61 15.75 4.90
CA GLU B 134 12.11 15.98 3.55
C GLU B 134 13.48 15.28 3.46
N PRO B 135 14.06 15.19 2.24
CA PRO B 135 15.40 14.60 2.20
C PRO B 135 16.42 15.43 2.98
N TYR B 136 17.34 14.77 3.67
CA TYR B 136 18.41 15.42 4.43
C TYR B 136 19.64 14.52 4.29
N VAL B 137 20.83 15.03 4.59
CA VAL B 137 22.05 14.22 4.45
C VAL B 137 22.21 13.17 5.55
N ASP B 138 22.42 11.92 5.15
CA ASP B 138 22.60 10.82 6.11
C ASP B 138 23.94 10.89 6.88
N ALA B 139 23.89 10.43 8.13
CA ALA B 139 25.05 10.41 9.02
C ALA B 139 26.21 9.58 8.48
N ALA B 140 25.89 8.51 7.76
CA ALA B 140 26.92 7.56 7.32
C ALA B 140 27.20 7.62 5.84
N THR B 141 26.14 7.61 5.02
CA THR B 141 26.36 7.52 3.58
C THR B 141 26.79 8.86 3.01
N GLN B 142 26.52 9.92 3.76
CA GLN B 142 26.68 11.30 3.28
C GLN B 142 25.79 11.61 2.06
N GLU B 143 24.79 10.76 1.84
CA GLU B 143 23.84 10.94 0.74
C GLU B 143 22.42 11.14 1.27
N LEU B 144 21.55 11.70 0.44
CA LEU B 144 20.19 12.05 0.85
C LEU B 144 19.35 10.84 1.24
N ILE B 145 18.54 11.04 2.27
CA ILE B 145 17.70 9.97 2.80
C ILE B 145 16.38 10.59 3.25
N ILE B 146 15.33 9.78 3.35
CA ILE B 146 14.06 10.24 3.90
C ILE B 146 13.70 9.33 5.08
N THR B 147 13.11 9.90 6.12
CA THR B 147 12.78 9.15 7.31
C THR B 147 11.33 9.33 7.72
N ALA B 148 10.71 8.22 8.13
CA ALA B 148 9.42 8.25 8.80
C ALA B 148 9.62 8.17 10.32
N ALA B 149 9.04 9.09 11.07
CA ALA B 149 9.28 9.13 12.50
C ALA B 149 8.05 9.55 13.29
N THR B 150 8.06 9.24 14.59
CA THR B 150 6.99 9.63 15.49
C THR B 150 7.55 9.68 16.93
N PRO B 151 6.99 10.56 17.77
CA PRO B 151 7.49 10.59 19.15
C PRO B 151 7.05 9.36 19.93
N VAL B 152 7.82 8.96 20.94
CA VAL B 152 7.34 7.96 21.88
C VAL B 152 6.75 8.71 23.07
N LYS B 153 5.47 8.49 23.35
CA LYS B 153 4.78 9.29 24.35
C LYS B 153 4.04 8.42 25.35
N ALA B 154 4.38 8.59 26.63
CA ALA B 154 3.71 7.86 27.71
C ALA B 154 3.09 8.82 28.71
N ALA B 155 1.76 8.92 28.69
CA ALA B 155 1.03 9.75 29.64
C ALA B 155 1.56 11.20 29.68
N GLY B 156 1.71 11.81 28.50
CA GLY B 156 2.11 13.20 28.38
C GLY B 156 3.61 13.42 28.40
N ASN B 157 4.36 12.35 28.64
CA ASN B 157 5.81 12.38 28.70
C ASN B 157 6.43 11.94 27.38
N THR B 158 7.23 12.80 26.76
CA THR B 158 7.88 12.44 25.51
C THR B 158 9.21 11.76 25.81
N LEU B 159 9.33 10.48 25.45
CA LEU B 159 10.48 9.65 25.86
C LEU B 159 11.61 9.66 24.86
N GLY B 160 11.32 10.10 23.65
CA GLY B 160 12.25 9.98 22.53
C GLY B 160 11.50 9.90 21.22
N VAL B 161 12.18 9.43 20.18
CA VAL B 161 11.63 9.38 18.82
C VAL B 161 12.10 8.13 18.10
N VAL B 162 11.17 7.43 17.46
CA VAL B 162 11.47 6.28 16.62
C VAL B 162 11.56 6.73 15.18
N GLY B 163 12.55 6.22 14.46
CA GLY B 163 12.71 6.55 13.05
C GLY B 163 12.96 5.33 12.17
N GLY B 164 12.55 5.42 10.91
CA GLY B 164 12.78 4.36 9.92
C GLY B 164 13.20 4.98 8.59
N ASP B 165 14.36 4.58 8.06
CA ASP B 165 14.93 5.23 6.86
C ASP B 165 14.42 4.64 5.53
N LEU B 166 14.19 5.52 4.56
CA LEU B 166 13.64 5.14 3.25
C LEU B 166 14.47 5.71 2.11
N SER B 167 14.75 4.86 1.12
CA SER B 167 15.56 5.23 -0.04
C SER B 167 14.84 6.10 -1.08
N LEU B 168 15.42 7.26 -1.40
CA LEU B 168 14.93 8.07 -2.52
C LEU B 168 14.84 7.25 -3.81
N LYS B 169 15.86 6.43 -4.04
CA LYS B 169 15.94 5.62 -5.26
C LYS B 169 14.72 4.74 -5.41
N THR B 170 14.33 4.08 -4.32
CA THR B 170 13.17 3.22 -4.36
C THR B 170 11.91 4.07 -4.62
N LEU B 171 11.92 5.32 -4.16
CA LEU B 171 10.77 6.18 -4.32
C LEU B 171 10.57 6.63 -5.78
N VAL B 172 11.64 6.99 -6.49
CA VAL B 172 11.51 7.33 -7.92
C VAL B 172 11.00 6.13 -8.70
N GLN B 173 11.44 4.92 -8.35
CA GLN B 173 11.07 3.72 -9.08
C GLN B 173 9.58 3.48 -8.96
N ILE B 174 9.07 3.61 -7.75
CA ILE B 174 7.65 3.36 -7.53
C ILE B 174 6.78 4.36 -8.28
N ILE B 175 7.13 5.64 -8.22
CA ILE B 175 6.30 6.64 -8.89
C ILE B 175 6.61 6.74 -10.37
N ASN B 176 7.59 5.98 -10.84
CA ASN B 176 7.80 5.88 -12.28
C ASN B 176 7.56 4.46 -12.78
N SER B 177 6.62 3.78 -12.15
CA SER B 177 6.28 2.46 -12.59
C SER B 177 5.59 2.47 -13.95
N LEU B 178 4.81 3.50 -14.22
CA LEU B 178 4.14 3.62 -15.49
C LEU B 178 5.17 3.98 -16.51
N ASP B 179 4.85 3.73 -17.77
CA ASP B 179 5.79 4.02 -18.81
C ASP B 179 5.74 5.45 -19.23
N PHE B 180 4.53 5.92 -19.53
CA PHE B 180 4.36 7.20 -20.17
C PHE B 180 4.92 7.15 -21.58
N SER B 181 5.04 5.93 -22.09
CA SER B 181 5.41 5.68 -23.45
C SER B 181 6.57 6.56 -23.89
N GLY B 182 7.53 6.78 -23.02
CA GLY B 182 8.62 7.66 -23.33
C GLY B 182 8.04 9.10 -23.44
N MET B 183 6.83 9.68 -23.15
N MET B 183 6.79 9.65 -23.34
CA MET B 183 6.33 11.05 -23.02
CA MET B 183 6.48 11.06 -23.05
C MET B 183 7.10 11.81 -21.94
C MET B 183 7.35 11.71 -21.98
N GLY B 184 7.29 11.17 -20.79
CA GLY B 184 7.97 11.80 -19.67
C GLY B 184 8.00 11.00 -18.37
N TYR B 185 7.89 11.71 -17.25
CA TYR B 185 8.19 11.14 -15.94
C TYR B 185 7.43 11.79 -14.77
N ALA B 186 7.39 11.08 -13.64
CA ALA B 186 6.79 11.59 -12.41
C ALA B 186 7.83 11.94 -11.36
N PHE B 187 7.55 13.01 -10.60
CA PHE B 187 8.36 13.35 -9.44
C PHE B 187 7.50 13.85 -8.28
N LEU B 188 8.11 13.98 -7.11
CA LEU B 188 7.43 14.49 -5.92
C LEU B 188 7.86 15.92 -5.60
N VAL B 189 6.89 16.76 -5.27
CA VAL B 189 7.20 18.13 -4.92
C VAL B 189 6.37 18.52 -3.71
N SER B 190 6.95 19.32 -2.82
CA SER B 190 6.22 19.78 -1.65
C SER B 190 5.19 20.85 -2.04
N GLY B 191 4.19 21.03 -1.20
CA GLY B 191 3.22 22.09 -1.41
C GLY B 191 3.85 23.47 -1.57
N ASP B 192 5.04 23.66 -1.03
CA ASP B 192 5.73 24.95 -1.13
C ASP B 192 6.69 24.99 -2.33
N GLY B 193 6.74 23.92 -3.11
CA GLY B 193 7.51 23.93 -4.34
C GLY B 193 8.90 23.33 -4.28
N LYS B 194 9.21 22.62 -3.21
CA LYS B 194 10.51 21.97 -3.12
C LYS B 194 10.48 20.58 -3.75
N ILE B 195 11.40 20.33 -4.66
CA ILE B 195 11.47 19.04 -5.34
C ILE B 195 12.16 18.02 -4.44
N LEU B 196 11.41 16.98 -4.06
CA LEU B 196 11.87 16.04 -3.04
C LEU B 196 12.51 14.81 -3.65
N VAL B 197 11.91 14.33 -4.73
CA VAL B 197 12.33 13.10 -5.38
C VAL B 197 12.11 13.31 -6.89
N HIS B 198 13.06 12.85 -7.71
CA HIS B 198 13.08 13.20 -9.13
C HIS B 198 14.01 12.27 -9.90
N PRO B 199 13.61 11.86 -11.13
CA PRO B 199 14.47 11.03 -11.99
C PRO B 199 15.84 11.64 -12.25
N ASP B 200 15.91 12.96 -12.39
CA ASP B 200 17.18 13.64 -12.55
C ASP B 200 17.73 14.10 -11.19
N LYS B 201 18.78 13.43 -10.72
CA LYS B 201 19.39 13.72 -9.43
C LYS B 201 19.77 15.20 -9.25
N GLU B 202 20.19 15.83 -10.33
CA GLU B 202 20.65 17.21 -10.24
C GLU B 202 19.51 18.18 -9.95
N GLN B 203 18.27 17.70 -10.00
CA GLN B 203 17.11 18.58 -9.76
C GLN B 203 16.58 18.47 -8.33
N VAL B 204 16.94 17.39 -7.64
CA VAL B 204 16.45 17.12 -6.31
C VAL B 204 16.80 18.25 -5.34
N MET B 205 15.82 18.66 -4.55
CA MET B 205 15.94 19.74 -3.56
C MET B 205 16.12 21.12 -4.18
N LYS B 206 15.99 21.21 -5.50
CA LYS B 206 15.73 22.50 -6.14
C LYS B 206 14.26 22.84 -6.04
N THR B 207 13.91 24.12 -6.17
CA THR B 207 12.51 24.51 -6.19
C THR B 207 11.98 24.64 -7.63
N LEU B 208 10.66 24.69 -7.76
CA LEU B 208 10.03 24.92 -9.05
C LEU B 208 10.49 26.23 -9.66
N SER B 209 10.61 27.26 -8.83
CA SER B 209 11.01 28.58 -9.33
C SER B 209 12.43 28.56 -9.87
N GLU B 210 13.30 27.73 -9.28
CA GLU B 210 14.69 27.66 -9.71
C GLU B 210 14.83 26.98 -11.05
N VAL B 211 13.85 26.17 -11.42
CA VAL B 211 13.89 25.47 -12.69
C VAL B 211 13.11 26.24 -13.76
N TYR B 212 12.00 26.85 -13.36
CA TYR B 212 11.18 27.64 -14.27
C TYR B 212 11.03 29.09 -13.80
N PRO B 213 12.04 29.93 -14.10
CA PRO B 213 12.12 31.32 -13.64
C PRO B 213 11.05 32.28 -14.19
N GLN B 214 10.97 32.42 -15.50
CA GLN B 214 10.06 33.39 -16.11
C GLN B 214 8.59 33.05 -15.86
N ASN B 215 8.20 31.84 -16.26
CA ASN B 215 6.82 31.39 -16.09
C ASN B 215 6.75 30.14 -15.22
N THR B 216 6.78 30.34 -13.90
CA THR B 216 6.77 29.21 -12.97
C THR B 216 5.38 28.61 -12.85
N PRO B 217 5.28 27.32 -13.04
CA PRO B 217 4.03 26.61 -12.92
C PRO B 217 3.54 26.65 -11.50
N LYS B 218 2.24 26.68 -11.32
CA LYS B 218 1.67 26.87 -10.02
C LYS B 218 0.96 25.59 -9.60
N ILE B 219 1.18 25.15 -8.38
CA ILE B 219 0.63 23.91 -7.94
C ILE B 219 -0.82 24.15 -7.61
N ALA B 220 -1.66 23.56 -8.41
CA ALA B 220 -3.06 23.87 -8.46
C ALA B 220 -3.72 22.67 -9.10
N THR B 221 -5.04 22.72 -9.24
CA THR B 221 -5.77 21.65 -9.89
C THR B 221 -5.45 21.49 -11.38
N GLY B 222 -5.32 22.60 -12.08
CA GLY B 222 -5.15 22.62 -13.52
C GLY B 222 -3.79 22.27 -14.07
N PHE B 223 -3.72 22.08 -15.38
CA PHE B 223 -2.46 21.89 -16.05
C PHE B 223 -1.73 23.18 -16.38
N SER B 224 -0.42 23.11 -16.51
CA SER B 224 0.37 24.24 -16.91
C SER B 224 1.45 23.89 -17.93
N GLU B 225 1.91 24.88 -18.68
CA GLU B 225 2.94 24.64 -19.67
C GLU B 225 4.12 25.50 -19.32
N ALA B 226 5.32 24.97 -19.50
CA ALA B 226 6.54 25.73 -19.23
C ALA B 226 7.66 25.22 -20.11
N GLU B 227 8.79 25.92 -20.08
CA GLU B 227 9.93 25.55 -20.93
C GLU B 227 11.08 24.97 -20.11
N LEU B 228 11.64 23.87 -20.61
CA LEU B 228 12.75 23.22 -19.93
C LEU B 228 13.70 22.62 -20.96
N HIS B 229 14.92 23.17 -21.03
CA HIS B 229 15.94 22.77 -22.00
C HIS B 229 15.49 23.00 -23.44
N GLY B 230 14.77 24.10 -23.65
CA GLY B 230 14.30 24.46 -24.98
C GLY B 230 13.03 23.78 -25.44
N HIS B 231 12.53 22.84 -24.63
CA HIS B 231 11.32 22.10 -25.00
C HIS B 231 10.14 22.50 -24.14
N THR B 232 8.94 22.42 -24.71
CA THR B 232 7.73 22.76 -23.99
C THR B 232 7.20 21.53 -23.28
N ARG B 233 7.01 21.66 -21.97
CA ARG B 233 6.52 20.55 -21.18
C ARG B 233 5.19 20.90 -20.54
N ILE B 234 4.36 19.88 -20.35
CA ILE B 234 3.10 20.01 -19.63
C ILE B 234 3.31 19.53 -18.20
N LEU B 235 2.81 20.30 -17.23
CA LEU B 235 2.91 19.90 -15.83
C LEU B 235 1.55 19.78 -15.16
N ALA B 236 1.35 18.69 -14.42
CA ALA B 236 0.11 18.46 -13.68
C ALA B 236 0.40 17.98 -12.26
N PHE B 237 -0.42 18.39 -11.30
CA PHE B 237 -0.16 18.06 -9.90
C PHE B 237 -1.33 17.34 -9.22
N THR B 238 -1.03 16.30 -8.47
CA THR B 238 -2.05 15.54 -7.75
C THR B 238 -1.66 15.40 -6.28
N PRO B 239 -2.54 15.79 -5.36
CA PRO B 239 -2.24 15.64 -3.92
C PRO B 239 -2.11 14.18 -3.50
N ILE B 240 -1.27 13.94 -2.50
CA ILE B 240 -1.07 12.59 -1.98
C ILE B 240 -1.76 12.44 -0.64
N LYS B 241 -2.74 11.54 -0.58
CA LYS B 241 -3.47 11.34 0.65
C LYS B 241 -2.70 10.48 1.63
N GLY B 242 -3.09 10.56 2.90
CA GLY B 242 -2.60 9.65 3.92
C GLY B 242 -1.29 10.04 4.55
N LEU B 243 -0.70 11.14 4.10
CA LEU B 243 0.59 11.57 4.63
C LEU B 243 0.40 12.49 5.84
N PRO B 244 0.95 12.07 6.99
CA PRO B 244 0.74 12.81 8.24
C PRO B 244 1.63 14.05 8.35
N SER B 245 1.01 15.21 8.56
CA SER B 245 1.70 16.45 8.85
C SER B 245 2.54 16.99 7.69
N VAL B 246 2.42 16.44 6.48
CA VAL B 246 3.08 17.10 5.35
C VAL B 246 2.06 17.36 4.27
N THR B 247 2.44 18.16 3.27
CA THR B 247 1.60 18.38 2.10
C THR B 247 2.45 18.19 0.87
N TRP B 248 2.40 16.99 0.29
CA TRP B 248 3.24 16.65 -0.86
C TRP B 248 2.38 16.34 -2.08
N TYR B 249 2.91 16.62 -3.26
CA TYR B 249 2.16 16.41 -4.48
C TYR B 249 2.88 15.44 -5.42
N LEU B 250 2.10 14.64 -6.12
CA LEU B 250 2.65 13.87 -7.23
C LEU B 250 2.68 14.72 -8.50
N ALA B 251 3.85 14.93 -9.07
CA ALA B 251 3.91 15.77 -10.27
C ALA B 251 4.18 14.96 -11.54
N LEU B 252 3.46 15.28 -12.61
CA LEU B 252 3.76 14.73 -13.94
C LEU B 252 4.37 15.81 -14.83
N SER B 253 5.45 15.47 -15.51
CA SER B 253 6.09 16.39 -16.45
C SER B 253 6.15 15.72 -17.83
N ILE B 254 5.38 16.26 -18.78
CA ILE B 254 5.15 15.61 -20.09
C ILE B 254 5.62 16.47 -21.27
N ASP B 255 6.44 15.90 -22.16
CA ASP B 255 6.86 16.60 -23.38
C ASP B 255 5.65 16.93 -24.25
N LYS B 256 5.44 18.22 -24.53
CA LYS B 256 4.24 18.66 -25.26
C LYS B 256 4.15 18.12 -26.69
N ASP B 257 5.23 18.29 -27.44
CA ASP B 257 5.27 17.87 -28.85
C ASP B 257 4.96 16.39 -29.00
N LYS B 258 5.73 15.55 -28.31
CA LYS B 258 5.50 14.12 -28.32
C LYS B 258 4.09 13.76 -27.89
N ALA B 259 3.59 14.45 -26.86
CA ALA B 259 2.26 14.15 -26.33
C ALA B 259 1.19 14.29 -27.41
N TYR B 260 1.21 15.41 -28.14
CA TYR B 260 0.18 15.70 -29.14
C TYR B 260 0.44 14.97 -30.45
N ALA B 261 1.70 14.76 -30.78
CA ALA B 261 2.02 13.98 -31.98
C ALA B 261 1.58 12.50 -31.83
N MET B 262 1.78 11.93 -30.64
CA MET B 262 1.71 10.47 -30.40
C MET B 262 0.37 9.77 -30.20
N LEU B 263 -0.73 10.49 -30.42
N LEU B 263 -1.76 12.69 -29.29
CA LEU B 263 -2.12 10.01 -30.52
CA LEU B 263 -2.12 11.35 -28.86
C LEU B 263 -2.84 10.87 -29.48
C LEU B 263 -3.62 11.17 -28.71
N TRP C . -13.06 -13.28 13.07
CA TRP C . -12.52 -14.30 13.97
C TRP C . -13.42 -15.53 14.01
O TRP C . -13.07 -16.61 14.51
CB TRP C . -12.31 -13.73 15.38
CG TRP C . -13.52 -13.05 15.98
CD1 TRP C . -14.03 -11.83 15.64
CD2 TRP C . -14.35 -13.55 17.05
NE1 TRP C . -15.13 -11.55 16.41
CE2 TRP C . -15.35 -12.58 17.29
CE3 TRP C . -14.33 -14.72 17.84
CZ2 TRP C . -16.34 -12.74 18.30
CZ3 TRP C . -15.32 -14.88 18.81
CH2 TRP C . -16.31 -13.90 19.04
OXT TRP C . -14.55 -15.44 13.51
C ACT D . -17.97 -9.97 -13.53
O ACT D . -18.34 -9.00 -12.84
OXT ACT D . -17.69 -9.73 -14.73
CH3 ACT D . -17.88 -11.33 -12.92
C ACT E . -12.10 -11.68 24.82
O ACT E . -10.99 -11.28 25.27
OXT ACT E . -12.19 -12.92 24.63
CH3 ACT E . -13.24 -10.73 24.53
N TRP F . 19.45 8.32 9.04
CA TRP F . 19.53 8.71 10.43
C TRP F . 20.47 9.89 10.59
O TRP F . 20.56 10.51 11.66
CB TRP F . 19.97 7.54 11.31
CG TRP F . 21.23 6.85 10.85
CD1 TRP F . 21.36 6.03 9.76
CD2 TRP F . 22.53 6.88 11.48
NE1 TRP F . 22.66 5.58 9.66
CE2 TRP F . 23.39 6.08 10.71
CE3 TRP F . 23.04 7.50 12.63
CZ2 TRP F . 24.73 5.89 11.04
CZ3 TRP F . 24.38 7.32 12.96
CH2 TRP F . 25.21 6.52 12.16
OXT TRP F . 21.14 10.26 9.63
NA NA G . -0.66 15.31 3.94
C ACT H . 10.33 19.08 -14.24
O ACT H . 9.36 19.36 -14.98
OXT ACT H . 11.03 18.10 -14.58
CH3 ACT H . 10.65 19.89 -13.01
#